data_5TZR
#
_entry.id   5TZR
#
_cell.length_a   100.620
_cell.length_b   62.600
_cell.length_c   106.150
_cell.angle_alpha   90.00
_cell.angle_beta   108.93
_cell.angle_gamma   90.00
#
_symmetry.space_group_name_H-M   'C 1 2 1'
#
loop_
_entity.id
_entity.type
_entity.pdbx_description
1 polymer 'Free fatty acid receptor 1,Endolysin,Free fatty acid receptor 1'
2 non-polymer 'SODIUM ION'
3 non-polymer "(5aR,6S,6aS)-3-({2',6'-dimethyl-4'-[3-(methylsulfonyl)propoxy][1,1'-biphenyl]-3-yl}methoxy)-5,5a,6,6a-tetrahydrocyclopropa[4,5]cyclopenta[1,2-c]pyridine-6-carboxylic acid"
4 non-polymer 'MALONATE ION'
5 non-polymer '(2R)-2,3-dihydroxypropyl (9Z)-octadec-9-enoate'
6 non-polymer 'PENTAETHYLENE GLYCOL'
7 water water
#
_entity_poly.entity_id   1
_entity_poly.type   'polypeptide(L)'
_entity_poly.pdbx_seq_one_letter_code
;MDYKDDDDKGSATMDLPPQLSFGLYVAAFALGFPLNVLAIRGATAHARLRLTPSAVYALNLGCSDLLLTVSLPLKAVEAL
ASGAWPLPASLCPVFAVAHFAPLYAGGGFLAALSAARYLGAAFPLGYQAFRRPCYSWGVCAAIWALVLCHLGLVFGLEAP
GGWLDHSNTSLGINTPVNGSPVCLEAWDPASAGPARFSLSLLLFFLPLAITAFCFVGCLRALARGSNIFEMLRIDEGLRL
KIYKDTEGYYTIGIGHLLTKSPSLNAAKSELDKAIGRNTNGVITKDEAEKLFNQDVDAAVRGILRNAKLKPVYDSLDAVR
RAALINMVFQMGETGVAGFTNSLRMLQQKRWDEAAVNLAKSRWYNQTPNRAKRVITTFRTGTWDAYGSLTHRRKLRAAWV
AGGALLTLLLCVGPYNASNVASFLYPNLGGSWRKLGLITGAWSVVLNPLVTGYLGRGPGLKTVCAARTQGGKSQKAENLY
FQGHHHHHHHH
;
_entity_poly.pdbx_strand_id   A
#
loop_
_chem_comp.id
_chem_comp.type
_chem_comp.name
_chem_comp.formula
1PE non-polymer 'PENTAETHYLENE GLYCOL' 'C10 H22 O6'
MK6 non-polymer '(5aR,6S,6aS)-3-({2',6'-dimethyl-4'-[3-(methylsulfonyl)propoxy][1,1'-biphenyl]-3-yl}methoxy)-5,5a,6,6a-tetrahydrocyclopropa[4,5]cyclopenta[1,2-c]pyridine-6-carboxylic acid' 'C29 H31 N O6 S'
MLI non-polymer 'MALONATE ION' 'C3 H2 O4 -2'
NA non-polymer 'SODIUM ION' 'Na 1'
OLC non-polymer '(2R)-2,3-dihydroxypropyl (9Z)-octadec-9-enoate' 'C21 H40 O4'
#
# COMPACT_ATOMS: atom_id res chain seq x y z
N ASP A 15 33.11 3.03 -15.54
CA ASP A 15 33.86 3.90 -14.63
C ASP A 15 33.23 5.29 -14.55
N LEU A 16 32.61 5.57 -13.41
CA LEU A 16 31.97 6.84 -13.11
C LEU A 16 33.06 7.79 -12.59
N PRO A 17 33.14 9.07 -13.03
CA PRO A 17 34.18 9.95 -12.47
C PRO A 17 34.03 10.11 -10.96
N PRO A 18 35.15 10.23 -10.18
CA PRO A 18 35.03 10.34 -8.71
C PRO A 18 34.14 11.49 -8.20
N GLN A 19 34.13 12.64 -8.89
CA GLN A 19 33.33 13.82 -8.52
C GLN A 19 31.83 13.58 -8.69
N LEU A 20 31.46 12.77 -9.70
CA LEU A 20 30.06 12.45 -9.91
C LEU A 20 29.58 11.49 -8.79
N SER A 21 30.39 10.47 -8.49
CA SER A 21 30.13 9.49 -7.43
C SER A 21 30.01 10.21 -6.10
N PHE A 22 30.95 11.13 -5.80
CA PHE A 22 30.96 11.91 -4.55
C PHE A 22 29.67 12.69 -4.44
N GLY A 23 29.30 13.38 -5.52
CA GLY A 23 28.08 14.19 -5.63
C GLY A 23 26.81 13.40 -5.42
N LEU A 24 26.72 12.19 -6.03
CA LEU A 24 25.52 11.33 -5.90
C LEU A 24 25.37 10.86 -4.47
N TYR A 25 26.45 10.52 -3.78
CA TYR A 25 26.38 10.10 -2.37
C TYR A 25 26.02 11.28 -1.45
N VAL A 26 26.55 12.48 -1.74
CA VAL A 26 26.28 13.69 -0.95
C VAL A 26 24.82 14.12 -1.10
N ALA A 27 24.26 14.07 -2.32
CA ALA A 27 22.87 14.41 -2.54
C ALA A 27 21.94 13.45 -1.79
N ALA A 28 22.26 12.13 -1.75
CA ALA A 28 21.42 11.15 -1.05
C ALA A 28 21.49 11.39 0.48
N PHE A 29 22.68 11.74 0.98
CA PHE A 29 22.91 12.05 2.39
C PHE A 29 22.23 13.34 2.82
N ALA A 30 22.38 14.44 2.03
CA ALA A 30 21.77 15.75 2.35
C ALA A 30 20.25 15.68 2.41
N LEU A 31 19.62 14.90 1.51
CA LEU A 31 18.17 14.74 1.46
C LEU A 31 17.69 13.67 2.46
N GLY A 32 18.42 12.55 2.58
CA GLY A 32 18.06 11.44 3.45
C GLY A 32 18.08 11.72 4.93
N PHE A 33 18.94 12.65 5.37
CA PHE A 33 19.06 13.02 6.76
C PHE A 33 17.76 13.68 7.22
N PRO A 34 17.26 14.83 6.66
CA PRO A 34 15.97 15.36 7.13
C PRO A 34 14.79 14.42 6.88
N LEU A 35 14.69 13.76 5.70
CA LEU A 35 13.55 12.86 5.40
C LEU A 35 13.40 11.74 6.41
N ASN A 36 14.51 11.09 6.80
CA ASN A 36 14.43 10.00 7.77
C ASN A 36 14.23 10.48 9.19
N VAL A 37 14.70 11.71 9.52
CA VAL A 37 14.45 12.32 10.83
C VAL A 37 12.94 12.56 10.90
N LEU A 38 12.33 13.05 9.79
CA LEU A 38 10.88 13.29 9.73
C LEU A 38 10.08 11.97 9.76
N ALA A 39 10.53 10.89 9.07
CA ALA A 39 9.82 9.58 9.08
C ALA A 39 9.85 8.92 10.48
N ILE A 40 10.99 8.98 11.18
CA ILE A 40 11.14 8.43 12.52
C ILE A 40 10.17 9.17 13.43
N ARG A 41 10.15 10.53 13.35
CA ARG A 41 9.24 11.37 14.16
C ARG A 41 7.81 10.95 13.94
N GLY A 42 7.41 10.84 12.67
CA GLY A 42 6.07 10.43 12.29
C GLY A 42 5.73 9.03 12.81
N ALA A 43 6.64 8.06 12.63
CA ALA A 43 6.38 6.69 13.09
C ALA A 43 6.35 6.56 14.61
N THR A 44 7.19 7.35 15.33
CA THR A 44 7.27 7.33 16.81
C THR A 44 5.98 7.88 17.40
N ALA A 45 5.41 8.95 16.79
CA ALA A 45 4.18 9.58 17.22
C ALA A 45 3.04 8.58 17.15
N HIS A 46 2.89 7.90 16.00
CA HIS A 46 1.86 6.88 15.79
C HIS A 46 2.03 5.70 16.75
N ALA A 47 3.27 5.27 17.00
CA ALA A 47 3.58 4.18 17.93
C ALA A 47 3.18 4.49 19.38
N ARG A 48 3.33 5.77 19.80
CA ARG A 48 2.99 6.22 21.15
C ARG A 48 1.48 6.41 21.35
N LEU A 49 0.78 7.02 20.36
CA LEU A 49 -0.67 7.28 20.38
C LEU A 49 -1.46 5.98 20.33
N ARG A 50 -1.18 5.12 19.34
CA ARG A 50 -1.82 3.82 19.17
C ARG A 50 -0.87 2.86 18.48
N LEU A 51 -0.20 1.98 19.27
CA LEU A 51 0.74 1.00 18.74
C LEU A 51 0.08 0.08 17.69
N THR A 52 0.65 0.10 16.47
CA THR A 52 0.19 -0.71 15.33
C THR A 52 1.42 -1.38 14.70
N PRO A 53 1.28 -2.60 14.13
CA PRO A 53 2.44 -3.26 13.48
C PRO A 53 3.13 -2.35 12.46
N SER A 54 2.35 -1.66 11.57
CA SER A 54 2.85 -0.72 10.53
C SER A 54 3.78 0.35 11.05
N ALA A 55 3.44 0.94 12.20
CA ALA A 55 4.19 2.01 12.85
C ALA A 55 5.57 1.47 13.31
N VAL A 56 5.62 0.22 13.82
CA VAL A 56 6.83 -0.43 14.31
C VAL A 56 7.78 -0.71 13.15
N TYR A 57 7.26 -1.27 12.04
CA TYR A 57 8.02 -1.55 10.83
C TYR A 57 8.55 -0.24 10.21
N ALA A 58 7.73 0.82 10.18
CA ALA A 58 8.11 2.15 9.65
C ALA A 58 9.19 2.78 10.52
N LEU A 59 9.08 2.66 11.86
CA LEU A 59 10.10 3.19 12.76
C LEU A 59 11.43 2.48 12.54
N ASN A 60 11.42 1.12 12.40
CA ASN A 60 12.65 0.36 12.18
C ASN A 60 13.27 0.71 10.84
N LEU A 61 12.45 0.92 9.80
CA LEU A 61 12.95 1.26 8.49
C LEU A 61 13.52 2.70 8.54
N GLY A 62 12.84 3.60 9.27
CA GLY A 62 13.32 4.97 9.42
C GLY A 62 14.67 5.03 10.10
N CYS A 63 14.82 4.31 11.23
CA CYS A 63 16.09 4.26 12.01
C CYS A 63 17.22 3.64 11.16
N SER A 64 16.89 2.57 10.43
CA SER A 64 17.80 1.84 9.55
C SER A 64 18.30 2.75 8.44
N ASP A 65 17.39 3.44 7.73
CA ASP A 65 17.74 4.38 6.66
C ASP A 65 18.55 5.56 7.19
N LEU A 66 18.27 6.00 8.44
CA LEU A 66 19.04 7.09 9.03
C LEU A 66 20.47 6.61 9.30
N LEU A 67 20.61 5.33 9.70
CA LEU A 67 21.95 4.77 9.98
C LEU A 67 22.71 4.70 8.66
N LEU A 68 22.04 4.26 7.58
CA LEU A 68 22.65 4.20 6.25
C LEU A 68 23.03 5.63 5.82
N THR A 69 22.16 6.63 6.06
CA THR A 69 22.41 8.02 5.70
C THR A 69 23.73 8.53 6.27
N VAL A 70 23.93 8.35 7.59
CA VAL A 70 25.10 8.80 8.34
C VAL A 70 26.41 8.11 7.85
N SER A 71 26.32 6.92 7.21
CA SER A 71 27.49 6.23 6.65
C SER A 71 27.85 6.81 5.25
N LEU A 72 26.89 7.46 4.55
CA LEU A 72 27.11 7.96 3.17
C LEU A 72 28.28 8.94 2.98
N PRO A 73 28.55 9.92 3.89
CA PRO A 73 29.75 10.78 3.68
C PRO A 73 31.06 9.98 3.61
N LEU A 74 31.17 8.86 4.37
CA LEU A 74 32.37 8.00 4.39
C LEU A 74 32.50 7.33 3.03
N LYS A 75 31.39 6.86 2.46
CA LYS A 75 31.40 6.23 1.14
C LYS A 75 31.70 7.32 0.08
N ALA A 76 31.25 8.58 0.33
CA ALA A 76 31.48 9.70 -0.59
C ALA A 76 32.96 10.01 -0.72
N VAL A 77 33.69 10.09 0.44
CA VAL A 77 35.11 10.39 0.43
C VAL A 77 35.90 9.21 -0.15
N GLU A 78 35.42 7.95 0.07
CA GLU A 78 36.05 6.77 -0.51
C GLU A 78 35.97 6.90 -2.04
N ALA A 79 34.81 7.34 -2.57
CA ALA A 79 34.60 7.55 -4.02
C ALA A 79 35.58 8.61 -4.58
N LEU A 80 35.82 9.69 -3.81
CA LEU A 80 36.72 10.79 -4.17
C LEU A 80 38.17 10.32 -4.13
N ALA A 81 38.49 9.32 -3.27
CA ALA A 81 39.82 8.74 -3.16
C ALA A 81 39.94 7.54 -4.14
N SER A 82 39.05 7.45 -5.13
CA SER A 82 39.02 6.40 -6.16
C SER A 82 38.96 4.94 -5.60
N GLY A 83 38.29 4.76 -4.46
CA GLY A 83 38.14 3.44 -3.86
C GLY A 83 39.04 3.14 -2.67
N ALA A 84 40.07 3.96 -2.47
CA ALA A 84 40.98 3.79 -1.33
C ALA A 84 40.28 4.28 -0.06
N TRP A 85 40.71 3.82 1.13
CA TRP A 85 40.06 4.25 2.38
C TRP A 85 40.88 5.44 2.93
N PRO A 86 40.39 6.70 2.79
CA PRO A 86 41.19 7.85 3.28
C PRO A 86 40.93 8.18 4.74
N LEU A 87 40.38 7.25 5.52
CA LEU A 87 40.02 7.51 6.92
C LEU A 87 40.81 6.64 7.87
N PRO A 88 40.76 6.83 9.21
CA PRO A 88 41.48 5.90 10.10
C PRO A 88 40.95 4.49 9.85
N ALA A 89 41.85 3.52 9.84
CA ALA A 89 41.55 2.11 9.60
C ALA A 89 40.54 1.53 10.61
N SER A 90 40.54 2.02 11.86
CA SER A 90 39.66 1.54 12.93
C SER A 90 38.16 1.89 12.68
N LEU A 91 37.91 2.81 11.76
CA LEU A 91 36.58 3.26 11.36
C LEU A 91 35.94 2.29 10.35
N CYS A 92 36.75 1.43 9.68
CA CYS A 92 36.27 0.47 8.67
C CYS A 92 35.22 -0.51 9.24
N PRO A 93 35.42 -1.19 10.41
CA PRO A 93 34.36 -2.07 10.93
C PRO A 93 33.06 -1.34 11.30
N VAL A 94 33.18 -0.09 11.79
CA VAL A 94 32.02 0.74 12.18
C VAL A 94 31.25 1.14 10.93
N PHE A 95 31.97 1.55 9.88
CA PHE A 95 31.34 1.89 8.61
C PHE A 95 30.71 0.61 8.02
N ALA A 96 31.39 -0.55 8.14
CA ALA A 96 30.89 -1.82 7.60
C ALA A 96 29.46 -2.11 8.09
N VAL A 97 29.25 -2.12 9.41
CA VAL A 97 27.94 -2.39 9.96
C VAL A 97 26.94 -1.23 9.68
N ALA A 98 27.37 0.05 9.80
CA ALA A 98 26.45 1.18 9.55
C ALA A 98 25.99 1.23 8.08
N HIS A 99 26.82 0.80 7.13
CA HIS A 99 26.41 0.84 5.74
C HIS A 99 25.60 -0.43 5.28
N PHE A 100 26.17 -1.62 5.49
CA PHE A 100 25.61 -2.88 5.00
C PHE A 100 24.47 -3.50 5.82
N ALA A 101 24.44 -3.40 7.15
CA ALA A 101 23.29 -3.95 7.88
C ALA A 101 21.97 -3.24 7.44
N PRO A 102 21.90 -1.88 7.37
CA PRO A 102 20.67 -1.23 6.87
C PRO A 102 20.37 -1.52 5.40
N LEU A 103 21.41 -1.67 4.57
CA LEU A 103 21.20 -1.95 3.13
C LEU A 103 20.42 -3.26 2.97
N TYR A 104 20.73 -4.29 3.76
CA TYR A 104 19.99 -5.55 3.69
C TYR A 104 18.68 -5.57 4.51
N ALA A 105 18.69 -5.00 5.75
CA ALA A 105 17.51 -5.00 6.65
C ALA A 105 16.27 -4.26 6.08
N GLY A 106 16.50 -3.12 5.43
CA GLY A 106 15.47 -2.28 4.81
C GLY A 106 14.43 -3.02 3.99
N GLY A 107 14.89 -3.92 3.13
CA GLY A 107 14.00 -4.73 2.29
C GLY A 107 13.10 -5.60 3.14
N GLY A 108 13.63 -6.08 4.27
CA GLY A 108 12.87 -6.88 5.21
C GLY A 108 11.75 -6.06 5.84
N PHE A 109 12.07 -4.81 6.29
CA PHE A 109 11.08 -3.91 6.91
C PHE A 109 10.01 -3.43 5.92
N LEU A 110 10.39 -3.23 4.64
CA LEU A 110 9.45 -2.80 3.59
C LEU A 110 8.43 -3.90 3.33
N ALA A 111 8.90 -5.17 3.22
CA ALA A 111 8.00 -6.32 3.01
C ALA A 111 7.07 -6.45 4.22
N ALA A 112 7.63 -6.32 5.46
CA ALA A 112 6.86 -6.41 6.71
C ALA A 112 5.76 -5.33 6.76
N LEU A 113 6.14 -4.08 6.43
CA LEU A 113 5.24 -2.94 6.40
C LEU A 113 4.12 -3.16 5.36
N SER A 114 4.48 -3.58 4.13
CA SER A 114 3.53 -3.87 3.05
C SER A 114 2.53 -4.94 3.48
N ALA A 115 3.01 -6.00 4.14
CA ALA A 115 2.15 -7.11 4.60
C ALA A 115 1.26 -6.65 5.75
N ALA A 116 1.78 -5.82 6.68
CA ALA A 116 0.97 -5.28 7.80
C ALA A 116 -0.16 -4.39 7.24
N ARG A 117 0.16 -3.57 6.24
CA ARG A 117 -0.83 -2.68 5.61
C ARG A 117 -1.89 -3.46 4.85
N TYR A 118 -1.49 -4.46 4.05
CA TYR A 118 -2.42 -5.28 3.31
C TYR A 118 -3.38 -6.05 4.25
N LEU A 119 -2.83 -6.78 5.23
CA LEU A 119 -3.64 -7.55 6.16
C LEU A 119 -4.56 -6.69 7.02
N GLY A 120 -4.04 -5.54 7.48
CA GLY A 120 -4.79 -4.61 8.29
C GLY A 120 -6.00 -4.00 7.60
N ALA A 121 -5.92 -3.84 6.26
CA ALA A 121 -6.97 -3.25 5.42
C ALA A 121 -7.89 -4.25 4.71
N ALA A 122 -7.35 -5.41 4.29
CA ALA A 122 -8.16 -6.42 3.59
C ALA A 122 -8.92 -7.28 4.60
N PHE A 123 -8.47 -7.31 5.87
CA PHE A 123 -9.11 -8.08 6.93
C PHE A 123 -9.36 -7.20 8.18
N PRO A 124 -10.23 -6.16 8.08
CA PRO A 124 -10.48 -5.30 9.25
C PRO A 124 -11.60 -5.82 10.16
N PRO A 133 1.31 -5.75 17.20
CA PRO A 133 1.81 -4.85 18.26
C PRO A 133 3.08 -5.40 18.92
N CYS A 134 2.96 -6.41 19.82
CA CYS A 134 4.11 -7.02 20.48
C CYS A 134 4.87 -7.91 19.48
N TYR A 135 4.12 -8.62 18.62
CA TYR A 135 4.61 -9.52 17.58
C TYR A 135 5.55 -8.82 16.59
N SER A 136 5.17 -7.60 16.10
CA SER A 136 5.95 -6.79 15.16
C SER A 136 7.36 -6.47 15.72
N TRP A 137 7.50 -6.28 17.04
CA TRP A 137 8.81 -6.05 17.66
C TRP A 137 9.68 -7.30 17.53
N GLY A 138 9.04 -8.47 17.69
CA GLY A 138 9.71 -9.76 17.55
C GLY A 138 10.19 -9.98 16.14
N VAL A 139 9.35 -9.65 15.13
CA VAL A 139 9.69 -9.77 13.72
C VAL A 139 10.90 -8.87 13.39
N CYS A 140 10.91 -7.61 13.92
CA CYS A 140 12.01 -6.68 13.73
C CYS A 140 13.28 -7.18 14.39
N ALA A 141 13.19 -7.69 15.64
CA ALA A 141 14.36 -8.26 16.34
C ALA A 141 14.95 -9.40 15.51
N ALA A 142 14.08 -10.26 14.92
CA ALA A 142 14.50 -11.39 14.06
C ALA A 142 15.21 -10.90 12.78
N ILE A 143 14.70 -9.83 12.16
CA ILE A 143 15.35 -9.27 10.95
C ILE A 143 16.76 -8.77 11.33
N TRP A 144 16.88 -7.99 12.42
CA TRP A 144 18.15 -7.44 12.91
C TRP A 144 19.09 -8.56 13.35
N ALA A 145 18.59 -9.59 14.03
CA ALA A 145 19.44 -10.71 14.48
C ALA A 145 20.06 -11.45 13.29
N LEU A 146 19.24 -11.72 12.26
CA LEU A 146 19.71 -12.41 11.06
C LEU A 146 20.76 -11.60 10.32
N VAL A 147 20.45 -10.34 10.02
CA VAL A 147 21.38 -9.47 9.27
C VAL A 147 22.70 -9.30 10.07
N LEU A 148 22.62 -9.02 11.38
CA LEU A 148 23.81 -8.82 12.21
C LEU A 148 24.61 -10.10 12.43
N CYS A 149 23.94 -11.27 12.60
CA CYS A 149 24.71 -12.52 12.76
C CYS A 149 25.29 -12.93 11.44
N HIS A 150 24.53 -12.79 10.33
CA HIS A 150 25.06 -13.18 9.03
C HIS A 150 26.25 -12.35 8.68
N LEU A 151 26.11 -11.01 8.74
CA LEU A 151 27.23 -10.13 8.40
C LEU A 151 28.35 -10.24 9.40
N GLY A 152 28.01 -10.30 10.69
CA GLY A 152 28.98 -10.39 11.79
C GLY A 152 29.86 -11.61 11.74
N LEU A 153 29.25 -12.80 11.54
CA LEU A 153 29.96 -14.07 11.44
C LEU A 153 30.89 -14.08 10.24
N VAL A 154 30.39 -13.73 9.04
CA VAL A 154 31.23 -13.70 7.83
C VAL A 154 32.41 -12.74 8.00
N PHE A 155 32.15 -11.50 8.52
CA PHE A 155 33.17 -10.48 8.73
C PHE A 155 34.17 -10.87 9.81
N GLY A 156 33.68 -11.17 11.01
CA GLY A 156 34.51 -11.57 12.15
C GLY A 156 35.43 -12.71 11.84
N LEU A 157 34.96 -13.69 11.06
CA LEU A 157 35.73 -14.87 10.72
C LEU A 157 36.56 -14.76 9.44
N GLU A 158 35.96 -14.26 8.37
CA GLU A 158 36.58 -14.22 7.04
C GLU A 158 37.06 -12.89 6.49
N ALA A 159 36.82 -11.74 7.16
CA ALA A 159 37.29 -10.48 6.59
C ALA A 159 38.81 -10.34 6.76
N PRO A 160 39.53 -9.56 5.92
CA PRO A 160 40.98 -9.37 6.19
C PRO A 160 41.09 -8.82 7.62
N GLY A 161 42.06 -9.34 8.39
CA GLY A 161 42.25 -8.94 9.78
C GLY A 161 41.29 -9.60 10.75
N GLY A 162 40.50 -10.54 10.24
CA GLY A 162 39.52 -11.30 11.02
C GLY A 162 40.14 -12.43 11.84
N TRP A 163 39.30 -13.31 12.39
CA TRP A 163 39.73 -14.43 13.23
C TRP A 163 40.70 -15.40 12.52
N LEU A 164 40.37 -15.80 11.27
CA LEU A 164 41.21 -16.71 10.48
C LEU A 164 42.49 -16.06 9.94
N ASP A 165 42.54 -14.73 9.87
CA ASP A 165 43.71 -13.98 9.41
C ASP A 165 44.77 -13.96 10.53
N HIS A 166 46.01 -14.37 10.19
CA HIS A 166 47.14 -14.43 11.13
C HIS A 166 48.09 -13.23 10.99
N SER A 167 48.05 -12.52 9.84
CA SER A 167 48.90 -11.36 9.58
C SER A 167 48.48 -10.09 10.33
N ASN A 168 49.40 -9.09 10.42
CA ASN A 168 49.16 -7.81 11.09
C ASN A 168 48.36 -6.95 10.09
N THR A 169 47.02 -7.10 10.15
CA THR A 169 46.07 -6.43 9.25
C THR A 169 44.93 -5.86 10.06
N SER A 170 44.57 -4.60 9.75
CA SER A 170 43.44 -3.93 10.40
C SER A 170 42.17 -4.63 9.89
N LEU A 171 41.23 -4.87 10.80
CA LEU A 171 39.97 -5.55 10.50
C LEU A 171 39.17 -4.86 9.36
N GLY A 172 38.88 -5.61 8.30
CA GLY A 172 38.14 -5.15 7.13
C GLY A 172 38.95 -4.47 6.04
N ILE A 173 40.25 -4.25 6.30
CA ILE A 173 41.14 -3.56 5.38
C ILE A 173 42.03 -4.46 4.52
N ASN A 174 41.98 -4.34 3.18
CA ASN A 174 42.90 -5.06 2.27
C ASN A 174 43.88 -3.99 1.77
N THR A 175 45.11 -4.38 1.41
CA THR A 175 46.09 -3.42 0.90
C THR A 175 46.60 -4.03 -0.40
N PRO A 176 45.91 -3.79 -1.55
CA PRO A 176 46.36 -4.41 -2.81
C PRO A 176 47.74 -3.99 -3.31
N VAL A 177 48.14 -2.73 -3.02
CA VAL A 177 49.45 -2.15 -3.36
C VAL A 177 49.86 -1.30 -2.15
N ASN A 178 51.16 -1.00 -2.00
CA ASN A 178 51.70 -0.17 -0.91
C ASN A 178 51.01 1.20 -0.91
N GLY A 179 50.64 1.67 0.27
CA GLY A 179 50.00 2.97 0.44
C GLY A 179 48.55 3.08 0.02
N SER A 180 47.88 1.93 -0.28
CA SER A 180 46.48 1.93 -0.71
C SER A 180 45.57 1.02 0.12
N PRO A 181 45.22 1.40 1.37
CA PRO A 181 44.31 0.54 2.14
C PRO A 181 42.91 0.63 1.52
N VAL A 182 42.15 -0.48 1.52
CA VAL A 182 40.79 -0.55 0.95
C VAL A 182 39.87 -1.16 2.00
N CYS A 183 38.79 -0.47 2.32
CA CYS A 183 37.85 -0.97 3.30
C CYS A 183 36.78 -1.79 2.54
N LEU A 184 36.70 -3.10 2.84
CA LEU A 184 35.74 -4.09 2.32
C LEU A 184 35.73 -4.38 0.83
N GLU A 185 35.85 -3.36 -0.04
CA GLU A 185 35.71 -3.55 -1.49
C GLU A 185 36.79 -4.43 -2.15
N ALA A 186 37.95 -4.67 -1.48
CA ALA A 186 38.96 -5.55 -2.07
C ALA A 186 38.94 -6.96 -1.41
N TRP A 187 37.85 -7.27 -0.69
CA TRP A 187 37.64 -8.56 0.00
C TRP A 187 37.59 -9.67 -1.04
N ASP A 188 38.26 -10.78 -0.75
CA ASP A 188 38.29 -11.95 -1.62
C ASP A 188 36.83 -12.36 -2.02
N PRO A 189 36.46 -12.36 -3.33
CA PRO A 189 35.10 -12.77 -3.73
C PRO A 189 34.70 -14.19 -3.29
N ALA A 190 35.67 -15.12 -3.21
CA ALA A 190 35.42 -16.52 -2.80
C ALA A 190 34.82 -16.54 -1.39
N SER A 191 35.07 -15.51 -0.60
CA SER A 191 34.56 -15.39 0.76
C SER A 191 33.32 -14.45 0.83
N ALA A 192 33.40 -13.25 0.22
CA ALA A 192 32.31 -12.28 0.24
C ALA A 192 31.14 -12.64 -0.66
N GLY A 193 31.43 -13.17 -1.85
CA GLY A 193 30.44 -13.56 -2.86
C GLY A 193 29.30 -14.42 -2.34
N PRO A 194 29.56 -15.64 -1.75
CA PRO A 194 28.46 -16.47 -1.24
C PRO A 194 27.70 -15.81 -0.09
N ALA A 195 28.39 -14.98 0.70
CA ALA A 195 27.74 -14.25 1.82
C ALA A 195 26.73 -13.24 1.28
N ARG A 196 27.11 -12.47 0.24
CA ARG A 196 26.28 -11.44 -0.40
C ARG A 196 25.09 -12.08 -1.10
N PHE A 197 25.35 -13.18 -1.86
CA PHE A 197 24.35 -13.91 -2.64
C PHE A 197 23.26 -14.54 -1.76
N SER A 198 23.65 -15.25 -0.70
CA SER A 198 22.68 -15.90 0.19
C SER A 198 21.82 -14.87 0.88
N LEU A 199 22.43 -13.77 1.38
CA LEU A 199 21.66 -12.70 2.06
C LEU A 199 20.74 -11.94 1.09
N SER A 200 21.14 -11.80 -0.17
CA SER A 200 20.34 -11.15 -1.20
C SER A 200 19.11 -11.97 -1.49
N LEU A 201 19.23 -13.33 -1.48
CA LEU A 201 18.08 -14.22 -1.73
C LEU A 201 17.07 -14.12 -0.59
N LEU A 202 17.58 -14.17 0.65
CA LEU A 202 16.72 -14.15 1.82
C LEU A 202 16.13 -12.79 2.16
N LEU A 203 16.94 -11.71 2.09
CA LEU A 203 16.51 -10.37 2.48
C LEU A 203 16.15 -9.45 1.33
N PHE A 204 16.32 -9.88 0.06
CA PHE A 204 15.85 -9.01 -1.01
C PHE A 204 14.83 -9.73 -1.88
N PHE A 205 15.22 -10.88 -2.48
CA PHE A 205 14.32 -11.59 -3.41
C PHE A 205 13.06 -12.14 -2.73
N LEU A 206 13.18 -12.74 -1.52
CA LEU A 206 11.99 -13.19 -0.79
C LEU A 206 11.12 -11.93 -0.41
N PRO A 207 11.64 -10.86 0.26
CA PRO A 207 10.81 -9.67 0.52
C PRO A 207 10.20 -9.06 -0.76
N LEU A 208 10.92 -9.13 -1.90
CA LEU A 208 10.41 -8.64 -3.18
C LEU A 208 9.16 -9.43 -3.58
N ALA A 209 9.18 -10.78 -3.46
CA ALA A 209 8.02 -11.63 -3.80
C ALA A 209 6.87 -11.31 -2.83
N ILE A 210 7.17 -11.21 -1.51
CA ILE A 210 6.18 -10.88 -0.47
C ILE A 210 5.52 -9.52 -0.81
N THR A 211 6.33 -8.50 -1.14
CA THR A 211 5.79 -7.18 -1.47
C THR A 211 4.90 -7.26 -2.73
N ALA A 212 5.36 -7.97 -3.78
CA ALA A 212 4.60 -8.13 -5.03
C ALA A 212 3.27 -8.84 -4.78
N PHE A 213 3.27 -9.82 -3.85
CA PHE A 213 2.07 -10.56 -3.44
C PHE A 213 1.08 -9.64 -2.70
N CYS A 214 1.57 -8.82 -1.76
CA CYS A 214 0.74 -7.89 -1.00
C CYS A 214 0.14 -6.79 -1.87
N PHE A 215 0.88 -6.33 -2.89
CA PHE A 215 0.39 -5.30 -3.82
C PHE A 215 -0.81 -5.84 -4.60
N VAL A 216 -0.67 -7.05 -5.19
CA VAL A 216 -1.72 -7.73 -5.95
C VAL A 216 -2.93 -7.96 -5.02
N GLY A 217 -2.67 -8.44 -3.81
CA GLY A 217 -3.69 -8.68 -2.79
C GLY A 217 -4.47 -7.41 -2.46
N CYS A 218 -3.77 -6.27 -2.33
CA CYS A 218 -4.39 -4.97 -2.06
C CYS A 218 -5.30 -4.60 -3.24
N LEU A 219 -4.82 -4.77 -4.49
CA LEU A 219 -5.62 -4.45 -5.68
C LEU A 219 -6.92 -5.27 -5.71
N ARG A 220 -6.81 -6.60 -5.43
CA ARG A 220 -7.92 -7.54 -5.39
C ARG A 220 -8.90 -7.22 -4.26
N ALA A 221 -8.39 -6.83 -3.08
CA ALA A 221 -9.21 -6.48 -1.93
C ALA A 221 -10.06 -5.22 -2.22
N LEU A 222 -9.55 -4.31 -3.05
CA LEU A 222 -10.28 -3.08 -3.42
C LEU A 222 -11.43 -3.44 -4.35
N ALA A 223 -11.17 -4.37 -5.29
CA ALA A 223 -12.10 -4.85 -6.31
C ALA A 223 -13.26 -5.65 -5.76
N ARG A 224 -13.00 -6.55 -4.79
CA ARG A 224 -14.06 -7.41 -4.23
C ARG A 224 -14.35 -7.14 -2.74
N GLY A 225 -13.94 -5.99 -2.23
CA GLY A 225 -14.16 -5.65 -0.83
C GLY A 225 -15.11 -4.50 -0.59
N SER A 226 -16.41 -4.75 -0.84
CA SER A 226 -17.61 -3.89 -0.70
C SER A 226 -18.75 -4.52 -1.49
N ASN A 227 -19.98 -4.02 -1.26
CA ASN A 227 -21.18 -4.52 -1.95
C ASN A 227 -22.32 -3.52 -1.91
N ILE A 228 -23.44 -3.91 -2.54
CA ILE A 228 -24.68 -3.13 -2.64
C ILE A 228 -25.20 -2.65 -1.28
N PHE A 229 -25.19 -3.51 -0.23
CA PHE A 229 -25.65 -3.13 1.11
C PHE A 229 -24.89 -1.93 1.67
N GLU A 230 -23.54 -1.94 1.56
CA GLU A 230 -22.69 -0.85 2.06
C GLU A 230 -22.86 0.42 1.23
N MET A 231 -22.88 0.26 -0.11
CA MET A 231 -23.08 1.32 -1.10
C MET A 231 -24.46 2.04 -0.86
N LEU A 232 -25.54 1.27 -0.67
CA LEU A 232 -26.84 1.95 -0.43
C LEU A 232 -26.90 2.66 0.95
N ARG A 233 -26.14 2.17 1.97
CA ARG A 233 -26.12 2.83 3.30
C ARG A 233 -25.54 4.23 3.22
N ILE A 234 -24.50 4.43 2.40
CA ILE A 234 -23.83 5.73 2.19
C ILE A 234 -24.80 6.68 1.49
N ASP A 235 -25.44 6.19 0.41
CA ASP A 235 -26.38 6.94 -0.41
C ASP A 235 -27.72 7.27 0.30
N GLU A 236 -28.23 6.34 1.13
CA GLU A 236 -29.54 6.52 1.81
C GLU A 236 -29.48 7.05 3.23
N GLY A 237 -28.47 6.65 3.98
CA GLY A 237 -28.32 7.07 5.37
C GLY A 237 -29.25 6.27 6.27
N LEU A 238 -29.55 6.82 7.47
CA LEU A 238 -30.42 6.16 8.46
C LEU A 238 -31.19 7.15 9.35
N ARG A 239 -32.52 6.91 9.46
CA ARG A 239 -33.45 7.68 10.27
C ARG A 239 -34.39 6.69 10.95
N LEU A 240 -34.50 6.77 12.30
CA LEU A 240 -35.33 5.85 13.09
C LEU A 240 -36.78 6.31 13.15
N LYS A 241 -37.04 7.59 12.87
CA LYS A 241 -38.36 8.22 12.84
C LYS A 241 -38.76 8.54 11.38
N ILE A 242 -40.08 8.67 11.12
CA ILE A 242 -40.62 9.02 9.80
C ILE A 242 -40.20 10.45 9.46
N TYR A 243 -39.68 10.65 8.25
CA TYR A 243 -39.27 11.96 7.76
C TYR A 243 -39.74 12.13 6.31
N LYS A 244 -39.77 13.36 5.82
CA LYS A 244 -40.13 13.66 4.44
C LYS A 244 -38.83 13.67 3.63
N ASP A 245 -38.76 12.86 2.57
CA ASP A 245 -37.59 12.79 1.69
C ASP A 245 -37.45 14.11 0.87
N THR A 246 -36.49 14.14 -0.08
CA THR A 246 -36.21 15.30 -0.93
C THR A 246 -37.44 15.76 -1.74
N GLU A 247 -38.30 14.82 -2.17
CA GLU A 247 -39.53 15.12 -2.93
C GLU A 247 -40.74 15.43 -2.02
N GLY A 248 -40.58 15.21 -0.71
CA GLY A 248 -41.61 15.46 0.27
C GLY A 248 -42.39 14.25 0.74
N TYR A 249 -41.98 13.05 0.32
CA TYR A 249 -42.65 11.79 0.69
C TYR A 249 -42.21 11.17 2.02
N TYR A 250 -43.20 10.67 2.78
CA TYR A 250 -42.95 10.01 4.06
C TYR A 250 -42.09 8.79 3.85
N THR A 251 -40.90 8.83 4.45
CA THR A 251 -39.83 7.85 4.37
C THR A 251 -39.32 7.52 5.77
N ILE A 252 -38.75 6.32 5.93
CA ILE A 252 -38.13 5.83 7.18
C ILE A 252 -36.97 4.87 6.87
N GLY A 253 -36.14 4.62 7.88
CA GLY A 253 -35.02 3.68 7.83
C GLY A 253 -33.92 4.08 6.88
N ILE A 254 -33.59 3.16 5.96
CA ILE A 254 -32.54 3.32 4.95
C ILE A 254 -33.26 3.47 3.61
N GLY A 255 -33.68 4.71 3.35
CA GLY A 255 -34.42 5.09 2.15
C GLY A 255 -35.66 4.26 1.83
N HIS A 256 -36.42 3.85 2.87
CA HIS A 256 -37.63 3.07 2.64
C HIS A 256 -38.80 4.02 2.48
N LEU A 257 -39.36 4.10 1.26
CA LEU A 257 -40.52 4.95 0.97
C LEU A 257 -41.73 4.31 1.65
N LEU A 258 -42.42 5.06 2.52
CA LEU A 258 -43.60 4.47 3.16
C LEU A 258 -44.83 4.62 2.27
N THR A 259 -45.03 5.85 1.75
CA THR A 259 -46.15 6.19 0.88
C THR A 259 -45.92 7.52 0.17
N LYS A 260 -46.65 7.74 -0.93
CA LYS A 260 -46.62 9.03 -1.63
C LYS A 260 -47.79 9.92 -1.11
N SER A 261 -48.76 9.29 -0.41
CA SER A 261 -49.95 9.96 0.11
C SER A 261 -49.69 11.15 1.04
N PRO A 262 -50.50 12.25 0.93
CA PRO A 262 -50.29 13.41 1.84
C PRO A 262 -50.94 13.15 3.20
N SER A 263 -50.57 12.03 3.84
CA SER A 263 -51.15 11.63 5.12
C SER A 263 -50.15 10.87 6.02
N LEU A 264 -49.84 11.46 7.19
CA LEU A 264 -48.93 10.85 8.17
C LEU A 264 -49.54 9.55 8.74
N ASN A 265 -50.88 9.53 8.96
CA ASN A 265 -51.63 8.38 9.42
C ASN A 265 -51.48 7.24 8.43
N ALA A 266 -51.55 7.53 7.10
CA ALA A 266 -51.36 6.50 6.07
C ALA A 266 -49.90 5.98 6.15
N ALA A 267 -48.93 6.88 6.38
CA ALA A 267 -47.51 6.50 6.51
C ALA A 267 -47.31 5.57 7.73
N LYS A 268 -47.93 5.93 8.89
CA LYS A 268 -47.83 5.13 10.12
C LYS A 268 -48.49 3.77 9.92
N SER A 269 -49.61 3.76 9.19
CA SER A 269 -50.37 2.56 8.88
C SER A 269 -49.53 1.60 8.03
N GLU A 270 -48.82 2.13 7.02
CA GLU A 270 -47.92 1.38 6.14
C GLU A 270 -46.71 0.89 6.95
N LEU A 271 -46.19 1.75 7.86
CA LEU A 271 -45.04 1.40 8.71
C LEU A 271 -45.38 0.20 9.60
N ASP A 272 -46.54 0.24 10.30
CA ASP A 272 -47.01 -0.82 11.18
C ASP A 272 -47.18 -2.16 10.48
N LYS A 273 -47.70 -2.17 9.23
CA LYS A 273 -47.89 -3.41 8.44
C LYS A 273 -46.56 -4.03 7.97
N ALA A 274 -45.54 -3.20 7.74
CA ALA A 274 -44.21 -3.62 7.28
C ALA A 274 -43.36 -4.25 8.40
N ILE A 275 -43.52 -3.76 9.64
CA ILE A 275 -42.79 -4.26 10.81
C ILE A 275 -43.59 -5.32 11.62
N GLY A 276 -44.92 -5.17 11.68
CA GLY A 276 -45.83 -6.06 12.41
C GLY A 276 -45.83 -5.73 13.88
N ARG A 277 -45.97 -4.44 14.19
CA ARG A 277 -45.93 -3.86 15.53
C ARG A 277 -46.51 -2.45 15.46
N ASN A 278 -47.05 -1.92 16.59
CA ASN A 278 -47.59 -0.56 16.65
C ASN A 278 -46.40 0.34 16.97
N THR A 279 -45.72 0.76 15.90
CA THR A 279 -44.50 1.56 15.96
C THR A 279 -44.69 3.02 16.35
N ASN A 280 -45.78 3.65 15.90
CA ASN A 280 -46.10 5.07 16.10
C ASN A 280 -44.98 5.97 15.50
N GLY A 281 -44.64 5.67 14.25
CA GLY A 281 -43.65 6.39 13.44
C GLY A 281 -42.20 6.36 13.87
N VAL A 282 -41.82 5.42 14.76
CA VAL A 282 -40.45 5.27 15.29
C VAL A 282 -40.07 3.77 15.37
N ILE A 283 -38.88 3.40 14.84
CA ILE A 283 -38.41 2.01 14.79
C ILE A 283 -36.97 1.82 15.31
N THR A 284 -36.55 0.54 15.44
CA THR A 284 -35.21 0.14 15.91
C THR A 284 -34.26 -0.12 14.72
N LYS A 285 -32.94 0.04 14.93
CA LYS A 285 -31.91 -0.16 13.93
C LYS A 285 -31.99 -1.53 13.26
N ASP A 286 -32.37 -2.57 14.02
CA ASP A 286 -32.54 -3.95 13.54
C ASP A 286 -33.76 -4.04 12.61
N GLU A 287 -34.84 -3.32 12.94
CA GLU A 287 -36.07 -3.28 12.14
C GLU A 287 -35.77 -2.57 10.81
N ALA A 288 -35.09 -1.43 10.86
CA ALA A 288 -34.68 -0.64 9.69
C ALA A 288 -33.75 -1.44 8.77
N GLU A 289 -32.84 -2.25 9.39
CA GLU A 289 -31.89 -3.10 8.69
C GLU A 289 -32.61 -4.26 8.00
N LYS A 290 -33.60 -4.87 8.68
CA LYS A 290 -34.41 -5.98 8.15
C LYS A 290 -35.30 -5.46 7.00
N LEU A 291 -35.79 -4.20 7.12
CA LEU A 291 -36.62 -3.56 6.09
C LEU A 291 -35.74 -3.29 4.84
N PHE A 292 -34.47 -2.87 5.08
CA PHE A 292 -33.48 -2.59 4.05
C PHE A 292 -33.12 -3.85 3.27
N ASN A 293 -33.01 -4.99 3.96
CA ASN A 293 -32.67 -6.26 3.33
C ASN A 293 -33.79 -6.69 2.40
N GLN A 294 -35.06 -6.49 2.84
CA GLN A 294 -36.25 -6.81 2.06
C GLN A 294 -36.31 -5.91 0.83
N ASP A 295 -35.95 -4.64 1.00
CA ASP A 295 -35.91 -3.65 -0.09
C ASP A 295 -34.86 -4.01 -1.16
N VAL A 296 -33.66 -4.47 -0.74
CA VAL A 296 -32.59 -4.88 -1.68
C VAL A 296 -33.04 -6.12 -2.46
N ASP A 297 -33.61 -7.16 -1.79
CA ASP A 297 -34.10 -8.38 -2.45
C ASP A 297 -35.23 -8.06 -3.43
N ALA A 298 -36.08 -7.08 -3.09
CA ALA A 298 -37.19 -6.62 -3.94
C ALA A 298 -36.63 -6.01 -5.22
N ALA A 299 -35.59 -5.16 -5.07
CA ALA A 299 -34.89 -4.50 -6.19
C ALA A 299 -34.24 -5.57 -7.08
N VAL A 300 -33.61 -6.60 -6.46
CA VAL A 300 -32.96 -7.71 -7.19
C VAL A 300 -34.03 -8.53 -7.93
N ARG A 301 -35.21 -8.77 -7.27
CA ARG A 301 -36.35 -9.50 -7.86
C ARG A 301 -36.93 -8.76 -9.07
N GLY A 302 -37.06 -7.44 -8.97
CA GLY A 302 -37.55 -6.57 -10.03
C GLY A 302 -36.67 -6.60 -11.27
N ILE A 303 -35.34 -6.72 -11.09
CA ILE A 303 -34.36 -6.79 -12.20
C ILE A 303 -34.53 -8.11 -12.98
N LEU A 304 -34.50 -9.24 -12.24
CA LEU A 304 -34.62 -10.60 -12.77
C LEU A 304 -35.96 -10.87 -13.47
N ARG A 305 -37.04 -10.16 -13.08
CA ARG A 305 -38.37 -10.30 -13.68
C ARG A 305 -38.60 -9.34 -14.85
N ASN A 306 -37.62 -8.46 -15.13
CA ASN A 306 -37.70 -7.47 -16.21
C ASN A 306 -36.88 -7.91 -17.41
N ALA A 307 -37.53 -7.93 -18.59
CA ALA A 307 -36.95 -8.33 -19.87
C ALA A 307 -35.77 -7.46 -20.32
N LYS A 308 -35.80 -6.16 -20.01
CA LYS A 308 -34.75 -5.19 -20.36
C LYS A 308 -33.66 -5.10 -19.28
N LEU A 309 -33.96 -5.51 -18.03
CA LEU A 309 -32.98 -5.43 -16.94
C LEU A 309 -32.16 -6.68 -16.72
N LYS A 310 -32.80 -7.87 -16.70
CA LYS A 310 -32.13 -9.16 -16.47
C LYS A 310 -30.90 -9.43 -17.38
N PRO A 311 -30.97 -9.28 -18.74
CA PRO A 311 -29.77 -9.55 -19.57
C PRO A 311 -28.62 -8.60 -19.25
N VAL A 312 -28.92 -7.34 -18.90
CA VAL A 312 -27.90 -6.35 -18.54
C VAL A 312 -27.22 -6.83 -17.26
N TYR A 313 -28.00 -7.08 -16.20
CA TYR A 313 -27.56 -7.55 -14.89
C TYR A 313 -26.69 -8.82 -14.98
N ASP A 314 -27.10 -9.81 -15.79
CA ASP A 314 -26.38 -11.07 -15.97
C ASP A 314 -24.99 -10.89 -16.61
N SER A 315 -24.86 -9.91 -17.53
CA SER A 315 -23.60 -9.62 -18.22
C SER A 315 -22.62 -8.80 -17.37
N LEU A 316 -23.12 -8.18 -16.30
CA LEU A 316 -22.30 -7.29 -15.46
C LEU A 316 -21.50 -7.96 -14.37
N ASP A 317 -20.32 -7.38 -14.07
CA ASP A 317 -19.42 -7.78 -12.99
C ASP A 317 -20.13 -7.40 -11.67
N ALA A 318 -19.66 -7.93 -10.54
CA ALA A 318 -20.23 -7.70 -9.21
C ALA A 318 -20.45 -6.22 -8.82
N VAL A 319 -19.45 -5.35 -9.02
CA VAL A 319 -19.53 -3.91 -8.69
C VAL A 319 -20.56 -3.15 -9.56
N ARG A 320 -20.64 -3.46 -10.88
CA ARG A 320 -21.60 -2.80 -11.77
C ARG A 320 -23.03 -3.30 -11.50
N ARG A 321 -23.18 -4.58 -11.06
CA ARG A 321 -24.49 -5.16 -10.68
C ARG A 321 -24.97 -4.33 -9.49
N ALA A 322 -24.08 -4.01 -8.52
CA ALA A 322 -24.46 -3.17 -7.38
C ALA A 322 -24.93 -1.79 -7.84
N ALA A 323 -24.24 -1.15 -8.82
CA ALA A 323 -24.69 0.17 -9.32
C ALA A 323 -26.06 0.02 -9.99
N LEU A 324 -26.36 -1.14 -10.61
CA LEU A 324 -27.67 -1.37 -11.25
C LEU A 324 -28.78 -1.53 -10.18
N ILE A 325 -28.52 -2.33 -9.10
CA ILE A 325 -29.46 -2.51 -7.97
C ILE A 325 -29.71 -1.14 -7.30
N ASN A 326 -28.65 -0.32 -7.12
CA ASN A 326 -28.74 1.03 -6.52
C ASN A 326 -29.76 1.87 -7.30
N MET A 327 -29.69 1.86 -8.66
CA MET A 327 -30.63 2.60 -9.52
C MET A 327 -32.09 2.10 -9.31
N VAL A 328 -32.32 0.76 -9.34
CA VAL A 328 -33.64 0.13 -9.17
C VAL A 328 -34.22 0.45 -7.78
N PHE A 329 -33.38 0.42 -6.74
CA PHE A 329 -33.77 0.75 -5.36
C PHE A 329 -34.27 2.20 -5.28
N GLN A 330 -33.64 3.13 -6.02
CA GLN A 330 -34.01 4.54 -5.98
C GLN A 330 -35.19 4.93 -6.89
N MET A 331 -35.28 4.35 -8.09
CA MET A 331 -36.26 4.71 -9.11
C MET A 331 -37.30 3.67 -9.47
N GLY A 332 -37.07 2.42 -9.09
CA GLY A 332 -37.95 1.30 -9.40
C GLY A 332 -37.57 0.66 -10.71
N GLU A 333 -37.94 -0.63 -10.89
CA GLU A 333 -37.58 -1.38 -12.10
C GLU A 333 -38.03 -0.71 -13.42
N THR A 334 -39.25 -0.18 -13.47
CA THR A 334 -39.87 0.48 -14.64
C THR A 334 -39.14 1.75 -15.03
N GLY A 335 -38.81 2.57 -14.04
CA GLY A 335 -38.09 3.81 -14.25
C GLY A 335 -36.70 3.56 -14.82
N VAL A 336 -36.04 2.50 -14.34
CA VAL A 336 -34.69 2.13 -14.82
C VAL A 336 -34.76 1.55 -16.25
N ALA A 337 -35.78 0.69 -16.53
CA ALA A 337 -35.97 0.07 -17.84
C ALA A 337 -36.16 1.07 -18.98
N GLY A 338 -36.50 2.31 -18.64
CA GLY A 338 -36.68 3.38 -19.61
C GLY A 338 -35.39 3.90 -20.22
N PHE A 339 -34.23 3.66 -19.57
CA PHE A 339 -32.91 4.10 -20.05
C PHE A 339 -32.39 3.04 -21.04
N THR A 340 -33.10 2.86 -22.16
CA THR A 340 -32.80 1.83 -23.17
C THR A 340 -31.39 1.98 -23.78
N ASN A 341 -30.91 3.20 -24.05
CA ASN A 341 -29.55 3.38 -24.63
C ASN A 341 -28.43 2.96 -23.64
N SER A 342 -28.44 3.48 -22.39
CA SER A 342 -27.46 3.14 -21.36
C SER A 342 -27.47 1.64 -21.05
N LEU A 343 -28.66 1.01 -20.95
CA LEU A 343 -28.78 -0.44 -20.67
C LEU A 343 -28.13 -1.27 -21.76
N ARG A 344 -28.36 -0.91 -23.03
CA ARG A 344 -27.77 -1.58 -24.18
C ARG A 344 -26.22 -1.40 -24.13
N MET A 345 -25.78 -0.18 -23.88
CA MET A 345 -24.36 0.19 -23.74
C MET A 345 -23.68 -0.66 -22.65
N LEU A 346 -24.31 -0.76 -21.47
CA LEU A 346 -23.80 -1.54 -20.35
C LEU A 346 -23.63 -3.02 -20.71
N GLN A 347 -24.61 -3.60 -21.46
CA GLN A 347 -24.52 -5.00 -21.89
C GLN A 347 -23.40 -5.14 -22.93
N GLN A 348 -23.20 -4.10 -23.76
CA GLN A 348 -22.14 -4.09 -24.76
C GLN A 348 -20.78 -3.74 -24.14
N LYS A 349 -20.78 -3.38 -22.84
CA LYS A 349 -19.55 -3.04 -22.11
C LYS A 349 -18.94 -1.73 -22.63
N ARG A 350 -19.81 -0.79 -23.06
CA ARG A 350 -19.46 0.53 -23.56
C ARG A 350 -19.74 1.51 -22.41
N TRP A 351 -18.86 1.47 -21.39
CA TRP A 351 -18.98 2.22 -20.14
C TRP A 351 -19.08 3.75 -20.26
N ASP A 352 -18.22 4.39 -21.05
CA ASP A 352 -18.24 5.85 -21.23
C ASP A 352 -19.50 6.34 -22.01
N GLU A 353 -19.97 5.56 -23.00
CA GLU A 353 -21.17 5.91 -23.77
C GLU A 353 -22.42 5.83 -22.86
N ALA A 354 -22.50 4.81 -21.97
CA ALA A 354 -23.62 4.64 -21.03
C ALA A 354 -23.62 5.82 -20.07
N ALA A 355 -22.44 6.21 -19.57
CA ALA A 355 -22.26 7.33 -18.63
C ALA A 355 -22.77 8.64 -19.21
N VAL A 356 -22.38 8.92 -20.45
CA VAL A 356 -22.75 10.13 -21.20
C VAL A 356 -24.31 10.16 -21.38
N ASN A 357 -24.96 8.99 -21.56
CA ASN A 357 -26.41 8.93 -21.68
C ASN A 357 -27.10 9.23 -20.34
N LEU A 358 -26.62 8.60 -19.25
CA LEU A 358 -27.17 8.79 -17.90
C LEU A 358 -26.99 10.21 -17.35
N ALA A 359 -25.94 10.92 -17.77
CA ALA A 359 -25.66 12.30 -17.35
C ALA A 359 -26.74 13.34 -17.81
N LYS A 360 -27.54 13.00 -18.85
CA LYS A 360 -28.60 13.84 -19.44
C LYS A 360 -29.98 13.55 -18.85
N SER A 361 -30.07 12.59 -17.93
CA SER A 361 -31.30 12.20 -17.27
C SER A 361 -31.79 13.20 -16.23
N ARG A 362 -33.09 13.09 -15.88
CA ARG A 362 -33.77 13.89 -14.87
C ARG A 362 -33.17 13.48 -13.52
N TRP A 363 -32.86 12.18 -13.36
CA TRP A 363 -32.22 11.57 -12.19
C TRP A 363 -30.93 12.29 -11.85
N TYR A 364 -30.12 12.61 -12.89
CA TYR A 364 -28.87 13.32 -12.70
C TYR A 364 -29.14 14.77 -12.32
N ASN A 365 -30.15 15.40 -12.96
CA ASN A 365 -30.52 16.78 -12.68
C ASN A 365 -31.03 16.95 -11.23
N GLN A 366 -31.86 15.99 -10.73
CA GLN A 366 -32.47 15.99 -9.39
C GLN A 366 -31.55 15.58 -8.25
N THR A 367 -30.73 14.52 -8.43
CA THR A 367 -29.78 14.08 -7.40
C THR A 367 -28.42 13.95 -8.09
N PRO A 368 -27.74 15.08 -8.41
CA PRO A 368 -26.46 14.96 -9.12
C PRO A 368 -25.35 14.24 -8.37
N ASN A 369 -25.21 14.47 -7.05
CA ASN A 369 -24.15 13.82 -6.27
C ASN A 369 -24.30 12.31 -6.24
N ARG A 370 -25.51 11.82 -6.00
CA ARG A 370 -25.84 10.41 -5.96
C ARG A 370 -25.67 9.79 -7.36
N ALA A 371 -26.18 10.49 -8.42
CA ALA A 371 -26.08 10.04 -9.80
C ALA A 371 -24.63 9.94 -10.29
N LYS A 372 -23.79 10.97 -10.01
CA LYS A 372 -22.36 10.99 -10.39
C LYS A 372 -21.65 9.78 -9.78
N ARG A 373 -21.94 9.47 -8.49
CA ARG A 373 -21.33 8.33 -7.82
C ARG A 373 -21.70 7.02 -8.49
N VAL A 374 -22.98 6.80 -8.81
CA VAL A 374 -23.46 5.58 -9.49
C VAL A 374 -22.85 5.48 -10.93
N ILE A 375 -22.89 6.59 -11.68
CA ILE A 375 -22.36 6.69 -13.04
C ILE A 375 -20.86 6.36 -13.07
N THR A 376 -20.07 6.95 -12.14
CA THR A 376 -18.61 6.70 -12.02
C THR A 376 -18.36 5.21 -11.76
N THR A 377 -19.22 4.58 -10.94
CA THR A 377 -19.17 3.14 -10.64
C THR A 377 -19.38 2.34 -11.96
N PHE A 378 -20.30 2.78 -12.84
CA PHE A 378 -20.50 2.12 -14.15
C PHE A 378 -19.29 2.33 -15.08
N ARG A 379 -18.66 3.51 -14.99
CA ARG A 379 -17.50 3.85 -15.83
C ARG A 379 -16.25 3.05 -15.51
N THR A 380 -15.95 2.90 -14.20
CA THR A 380 -14.74 2.28 -13.73
C THR A 380 -14.85 0.83 -13.28
N GLY A 381 -16.00 0.42 -12.76
CA GLY A 381 -16.17 -0.91 -12.21
C GLY A 381 -15.45 -1.04 -10.87
N THR A 382 -15.13 0.11 -10.23
CA THR A 382 -14.47 0.12 -8.92
C THR A 382 -15.38 0.81 -7.87
N TRP A 383 -14.99 0.76 -6.59
CA TRP A 383 -15.73 1.39 -5.49
C TRP A 383 -15.19 2.80 -5.16
N ASP A 384 -14.33 3.36 -6.02
CA ASP A 384 -13.66 4.66 -5.84
C ASP A 384 -14.58 5.86 -5.57
N ALA A 385 -15.81 5.86 -6.10
CA ALA A 385 -16.75 6.97 -5.85
C ALA A 385 -17.33 6.89 -4.42
N TYR A 386 -17.22 5.70 -3.78
CA TYR A 386 -17.69 5.39 -2.43
C TYR A 386 -16.50 5.32 -1.45
N GLY A 387 -15.87 6.47 -1.26
CA GLY A 387 -14.69 6.65 -0.42
C GLY A 387 -14.93 6.53 1.07
N SER A 388 -15.35 5.34 1.50
CA SER A 388 -15.61 5.00 2.89
C SER A 388 -14.26 4.80 3.62
N LEU A 389 -14.29 4.71 4.96
CA LEU A 389 -13.12 4.50 5.82
C LEU A 389 -12.38 3.23 5.40
N THR A 390 -13.13 2.12 5.21
CA THR A 390 -12.59 0.83 4.79
C THR A 390 -11.91 0.93 3.41
N HIS A 391 -12.57 1.60 2.42
CA HIS A 391 -12.05 1.77 1.07
C HIS A 391 -10.77 2.61 1.07
N ARG A 392 -10.75 3.72 1.82
CA ARG A 392 -9.58 4.60 1.91
C ARG A 392 -8.38 3.83 2.53
N ARG A 393 -8.63 3.00 3.57
CA ARG A 393 -7.59 2.19 4.22
C ARG A 393 -6.98 1.20 3.23
N LYS A 394 -7.81 0.62 2.33
CA LYS A 394 -7.36 -0.29 1.29
C LYS A 394 -6.55 0.49 0.23
N LEU A 395 -6.99 1.72 -0.15
CA LEU A 395 -6.26 2.57 -1.12
C LEU A 395 -4.88 2.89 -0.57
N ARG A 396 -4.81 3.21 0.73
CA ARG A 396 -3.58 3.55 1.44
C ARG A 396 -2.63 2.36 1.42
N ALA A 397 -3.16 1.14 1.72
CA ALA A 397 -2.42 -0.09 1.73
C ALA A 397 -1.81 -0.38 0.34
N ALA A 398 -2.60 -0.17 -0.74
CA ALA A 398 -2.15 -0.39 -2.13
C ALA A 398 -1.02 0.54 -2.51
N TRP A 399 -1.11 1.84 -2.10
CA TRP A 399 -0.10 2.85 -2.35
C TRP A 399 1.23 2.53 -1.67
N VAL A 400 1.17 2.09 -0.40
CA VAL A 400 2.36 1.72 0.37
C VAL A 400 3.05 0.49 -0.28
N ALA A 401 2.28 -0.58 -0.59
CA ALA A 401 2.80 -1.79 -1.24
C ALA A 401 3.32 -1.52 -2.67
N GLY A 402 2.65 -0.65 -3.42
CA GLY A 402 3.11 -0.27 -4.76
C GLY A 402 4.38 0.58 -4.68
N GLY A 403 4.42 1.50 -3.71
CA GLY A 403 5.55 2.38 -3.44
C GLY A 403 6.72 1.56 -2.97
N ALA A 404 6.48 0.58 -2.06
CA ALA A 404 7.55 -0.32 -1.55
C ALA A 404 8.17 -1.13 -2.70
N LEU A 405 7.34 -1.62 -3.62
CA LEU A 405 7.75 -2.41 -4.79
C LEU A 405 8.68 -1.59 -5.67
N LEU A 406 8.31 -0.33 -5.96
CA LEU A 406 9.10 0.61 -6.77
C LEU A 406 10.50 0.87 -6.14
N THR A 407 10.57 1.15 -4.83
CA THR A 407 11.85 1.42 -4.16
C THR A 407 12.68 0.14 -4.11
N LEU A 408 12.04 -1.01 -3.90
CA LEU A 408 12.76 -2.28 -3.90
C LEU A 408 13.39 -2.51 -5.27
N LEU A 409 12.63 -2.29 -6.35
CA LEU A 409 13.17 -2.50 -7.70
C LEU A 409 14.19 -1.47 -8.16
N LEU A 410 14.04 -0.19 -7.79
CA LEU A 410 14.92 0.88 -8.25
C LEU A 410 16.17 1.12 -7.42
N CYS A 411 16.08 0.99 -6.09
CA CYS A 411 17.21 1.33 -5.22
C CYS A 411 18.08 0.15 -4.81
N VAL A 412 17.62 -0.69 -3.87
CA VAL A 412 18.44 -1.83 -3.43
C VAL A 412 18.39 -2.97 -4.45
N GLY A 413 17.38 -2.98 -5.34
CA GLY A 413 17.19 -3.98 -6.39
C GLY A 413 18.41 -4.15 -7.28
N PRO A 414 18.96 -3.08 -7.92
CA PRO A 414 20.18 -3.27 -8.75
C PRO A 414 21.36 -3.75 -7.91
N TYR A 415 21.41 -3.40 -6.60
CA TYR A 415 22.50 -3.85 -5.75
C TYR A 415 22.42 -5.37 -5.52
N ASN A 416 21.23 -5.89 -5.20
CA ASN A 416 21.06 -7.32 -4.96
C ASN A 416 21.16 -8.16 -6.23
N ALA A 417 20.77 -7.58 -7.40
CA ALA A 417 20.88 -8.25 -8.71
C ALA A 417 22.39 -8.35 -9.04
N SER A 418 23.18 -7.33 -8.70
CA SER A 418 24.65 -7.34 -8.91
C SER A 418 25.26 -8.49 -8.08
N ASN A 419 24.81 -8.65 -6.80
CA ASN A 419 25.30 -9.74 -5.91
C ASN A 419 25.02 -11.09 -6.54
N VAL A 420 23.84 -11.27 -7.15
CA VAL A 420 23.45 -12.53 -7.80
C VAL A 420 24.25 -12.73 -9.08
N ALA A 421 24.33 -11.70 -9.94
CA ALA A 421 25.10 -11.73 -11.18
C ALA A 421 26.58 -12.10 -10.92
N SER A 422 27.24 -11.49 -9.92
CA SER A 422 28.65 -11.76 -9.63
C SER A 422 28.90 -13.15 -9.05
N PHE A 423 27.94 -13.70 -8.31
CA PHE A 423 28.04 -15.05 -7.76
C PHE A 423 27.94 -16.07 -8.91
N LEU A 424 27.03 -15.87 -9.87
CA LEU A 424 26.84 -16.80 -10.98
C LEU A 424 27.88 -16.59 -12.05
N TYR A 425 28.29 -15.33 -12.30
CA TYR A 425 29.27 -14.96 -13.33
C TYR A 425 30.38 -14.09 -12.72
N PRO A 426 31.30 -14.71 -11.95
CA PRO A 426 32.34 -13.90 -11.29
C PRO A 426 33.31 -13.23 -12.27
N ASN A 427 33.20 -13.56 -13.56
CA ASN A 427 34.03 -12.95 -14.61
C ASN A 427 33.56 -11.53 -14.92
N LEU A 428 32.42 -11.07 -14.36
CA LEU A 428 31.93 -9.71 -14.54
C LEU A 428 32.87 -8.73 -13.83
N GLY A 429 33.08 -7.57 -14.43
CA GLY A 429 33.87 -6.50 -13.84
C GLY A 429 33.11 -5.86 -12.68
N GLY A 430 33.78 -4.98 -11.95
CA GLY A 430 33.20 -4.33 -10.78
C GLY A 430 32.37 -3.08 -11.02
N SER A 431 32.10 -2.70 -12.29
CA SER A 431 31.31 -1.49 -12.54
C SER A 431 29.84 -1.63 -12.12
N TRP A 432 29.22 -2.81 -12.31
CA TRP A 432 27.81 -3.07 -11.95
C TRP A 432 27.58 -2.95 -10.45
N ARG A 433 28.48 -3.51 -9.65
CA ARG A 433 28.39 -3.44 -8.19
C ARG A 433 28.49 -1.96 -7.73
N LYS A 434 29.40 -1.20 -8.37
CA LYS A 434 29.60 0.24 -8.08
C LYS A 434 28.34 1.04 -8.34
N LEU A 435 27.63 0.74 -9.44
CA LEU A 435 26.38 1.42 -9.75
C LEU A 435 25.28 0.98 -8.75
N GLY A 436 25.18 -0.33 -8.48
CA GLY A 436 24.21 -0.86 -7.53
C GLY A 436 24.35 -0.30 -6.12
N LEU A 437 25.57 -0.01 -5.66
CA LEU A 437 25.83 0.58 -4.34
C LEU A 437 25.31 2.00 -4.27
N ILE A 438 25.42 2.76 -5.39
CA ILE A 438 24.91 4.14 -5.46
C ILE A 438 23.36 4.11 -5.43
N THR A 439 22.73 3.22 -6.24
CA THR A 439 21.26 3.11 -6.24
C THR A 439 20.80 2.63 -4.86
N GLY A 440 21.56 1.75 -4.23
CA GLY A 440 21.22 1.27 -2.90
C GLY A 440 21.20 2.41 -1.90
N ALA A 441 22.19 3.30 -1.97
CA ALA A 441 22.27 4.46 -1.07
C ALA A 441 21.03 5.38 -1.19
N TRP A 442 20.48 5.54 -2.41
CA TRP A 442 19.31 6.39 -2.69
C TRP A 442 18.00 5.86 -2.08
N SER A 443 18.03 4.67 -1.44
CA SER A 443 16.85 4.14 -0.75
C SER A 443 16.59 5.05 0.49
N VAL A 444 17.61 5.78 0.96
CA VAL A 444 17.43 6.70 2.11
C VAL A 444 16.53 7.87 1.74
N VAL A 445 16.41 8.15 0.44
CA VAL A 445 15.57 9.22 -0.06
C VAL A 445 14.18 8.65 -0.41
N LEU A 446 14.13 7.56 -1.19
CA LEU A 446 12.85 6.98 -1.63
C LEU A 446 12.06 6.27 -0.52
N ASN A 447 12.74 5.57 0.44
CA ASN A 447 12.00 4.88 1.52
C ASN A 447 11.15 5.80 2.36
N PRO A 448 11.68 6.90 2.99
CA PRO A 448 10.79 7.78 3.79
C PRO A 448 9.65 8.37 2.97
N LEU A 449 9.83 8.55 1.65
CA LEU A 449 8.79 9.09 0.77
C LEU A 449 7.64 8.08 0.50
N VAL A 450 7.91 6.76 0.58
CA VAL A 450 6.89 5.75 0.27
C VAL A 450 6.15 5.20 1.50
N THR A 451 6.79 5.13 2.68
CA THR A 451 6.18 4.56 3.89
C THR A 451 4.99 5.35 4.49
N GLY A 452 4.81 6.62 4.09
CA GLY A 452 3.71 7.51 4.49
C GLY A 452 3.69 8.16 5.87
N TYR A 453 4.85 8.25 6.55
CA TYR A 453 4.91 8.86 7.89
C TYR A 453 5.47 10.30 7.89
N LEU A 454 5.55 10.92 6.70
CA LEU A 454 6.00 12.30 6.58
C LEU A 454 4.75 13.18 6.76
N GLY A 455 4.94 14.39 7.27
CA GLY A 455 3.83 15.32 7.46
C GLY A 455 2.83 14.89 8.52
N ARG A 456 1.54 14.96 8.19
CA ARG A 456 0.42 14.62 9.08
C ARG A 456 0.34 13.12 9.44
N GLY A 457 0.95 12.27 8.61
CA GLY A 457 0.98 10.83 8.80
C GLY A 457 0.00 10.07 7.91
N PRO A 458 -0.14 8.74 8.12
CA PRO A 458 -1.07 7.97 7.27
C PRO A 458 -2.52 7.92 7.75
N GLY A 459 -2.85 8.65 8.82
CA GLY A 459 -4.17 8.73 9.44
C GLY A 459 -5.39 8.68 8.54
NA NA B . -30.26 6.33 -21.23
O5 MK6 C . 27.05 -6.71 0.84
C28 MK6 C . 28.27 -6.80 1.07
O4 MK6 C . 29.18 -6.54 0.25
C27 MK6 C . 28.65 -7.21 2.48
C2 MK6 C . 29.86 -8.09 2.71
C1 MK6 C . 29.94 -6.63 3.06
C MK6 C . 29.99 -6.58 4.55
C7 MK6 C . 29.98 -5.52 5.44
N MK6 C . 29.91 -5.64 6.78
C6 MK6 C . 29.87 -6.87 7.26
C5 MK6 C . 29.92 -8.02 6.49
C4 MK6 C . 29.96 -7.85 5.11
C3 MK6 C . 29.91 -8.90 4.03
O MK6 C . 29.72 -6.98 8.60
C8 MK6 C . 29.62 -5.91 9.54
C9 MK6 C . 29.56 -6.42 10.95
C26 MK6 C . 28.36 -6.82 11.54
C25 MK6 C . 28.30 -7.11 12.89
C24 MK6 C . 29.44 -7.00 13.67
C11 MK6 C . 30.67 -6.63 13.10
C10 MK6 C . 30.70 -6.36 11.74
C12 MK6 C . 31.90 -6.45 13.94
C17 MK6 C . 32.33 -5.16 14.28
C18 MK6 C . 31.52 -3.93 13.94
C16 MK6 C . 33.52 -4.99 14.97
C15 MK6 C . 34.27 -6.10 15.34
C14 MK6 C . 33.85 -7.38 15.01
C13 MK6 C . 32.67 -7.57 14.30
C23 MK6 C . 32.29 -8.98 13.89
O1 MK6 C . 35.36 -5.76 16.11
C19 MK6 C . 36.09 -6.81 16.75
C20 MK6 C . 37.55 -6.57 16.53
C21 MK6 C . 38.02 -5.43 17.37
S MK6 C . 39.70 -5.64 17.92
O2 MK6 C . 39.80 -6.89 18.61
O3 MK6 C . 40.08 -4.45 18.64
C22 MK6 C . 40.64 -5.72 16.43
C1 MLI D . -36.50 6.21 -1.87
C2 MLI D . -35.12 6.74 -1.51
C3 MLI D . -36.84 6.61 -3.30
O6 MLI D . -35.02 7.49 -0.50
O7 MLI D . -34.17 6.40 -2.26
O8 MLI D . -37.32 5.75 -4.05
O9 MLI D . -36.61 7.79 -3.62
C18 OLC E . 13.40 -18.63 0.70
C10 OLC E . 23.10 -20.69 -0.42
C9 OLC E . 24.18 -20.78 -1.20
C17 OLC E . 14.67 -18.48 -0.11
C11 OLC E . 21.75 -20.37 -1.02
C8 OLC E . 25.54 -21.08 -0.63
C16 OLC E . 15.94 -18.57 0.73
C12 OLC E . 20.90 -19.62 0.01
C7 OLC E . 26.37 -21.72 -1.75
C15 OLC E . 17.12 -18.87 -0.17
C13 OLC E . 19.43 -19.70 -0.37
C6 OLC E . 27.77 -21.15 -1.90
C14 OLC E . 18.46 -18.99 0.56
C5 OLC E . 28.72 -22.22 -2.45
C4 OLC E . 29.11 -22.02 -3.90
C3 OLC E . 30.53 -21.48 -4.04
C18 OLC F . 10.56 -14.85 12.91
C10 OLC F . 12.85 -12.59 5.31
C9 OLC F . 11.79 -11.85 4.98
C17 OLC F . 9.81 -13.76 12.18
C11 OLC F . 13.71 -12.24 6.51
C8 OLC F . 11.39 -10.63 5.78
C24 OLC F . -0.06 -7.92 11.97
C16 OLC F . 10.21 -13.71 10.72
C12 OLC F . 13.65 -13.34 7.56
C7 OLC F . 9.93 -10.33 5.54
C15 OLC F . 11.36 -12.74 10.51
C13 OLC F . 12.35 -13.24 8.33
C6 OLC F . 9.20 -10.26 6.86
C14 OLC F . 12.56 -13.39 9.83
C5 OLC F . 7.73 -10.52 6.60
C4 OLC F . 6.95 -10.53 7.90
C3 OLC F . 5.49 -10.20 7.66
C2 OLC F . 5.12 -9.14 8.69
C21 OLC F . 1.73 -8.52 10.39
C1 OLC F . 3.63 -8.95 8.87
C22 OLC F . 1.42 -7.78 11.68
O19 OLC F . 2.83 -9.06 7.95
O25 OLC F . -0.78 -6.98 11.17
O23 OLC F . 2.24 -8.22 12.78
O20 OLC F . 3.13 -8.60 10.20
C10 OLC G . 26.57 18.22 -3.89
C9 OLC G . 27.53 18.39 -4.80
C11 OLC G . 25.14 18.44 -4.35
C8 OLC G . 28.99 18.21 -4.46
C12 OLC G . 24.15 18.30 -3.20
C7 OLC G . 29.82 18.49 -5.71
C15 OLC G . 20.29 18.31 -3.05
C13 OLC G . 22.72 18.45 -3.68
C14 OLC G . 21.73 18.17 -2.55
C10 OLC H . 17.44 -21.70 -3.66
C9 OLC H . 16.24 -21.12 -3.76
C17 OLC H . 24.06 -22.56 -8.48
C11 OLC H . 18.55 -21.25 -4.57
C16 OLC H . 23.57 -22.97 -7.10
C12 OLC H . 19.81 -22.06 -4.32
C15 OLC H . 23.06 -21.74 -6.35
C13 OLC H . 20.69 -22.03 -5.56
C14 OLC H . 22.16 -22.10 -5.18
C10 OLC I . 16.18 -22.57 0.86
C9 OLC I . 17.28 -23.29 1.07
C11 OLC I . 15.11 -22.84 -0.18
C8 OLC I . 17.64 -24.51 0.26
C7 OLC I . 19.13 -24.81 0.35
C6 OLC I . 19.61 -25.33 -0.99
C5 OLC I . 21.03 -24.87 -1.26
C4 OLC I . 21.60 -25.60 -2.48
C3 OLC I . 22.94 -25.00 -2.87
C2 OLC I . 23.85 -26.01 -3.57
C1 OLC I . 25.11 -25.31 -4.04
O19 OLC I . 25.13 -23.86 -4.24
O20 OLC I . 26.13 -25.94 -4.26
C18 OLC J . 6.40 -1.47 -10.70
C10 OLC J . -0.61 2.59 -7.15
C9 OLC J . -1.67 2.17 -6.47
C17 OLC J . 6.22 -0.47 -9.57
C11 OLC J . 0.76 2.60 -6.52
C8 OLC J . -3.02 2.20 -7.14
C16 OLC J . 4.82 -0.56 -8.97
C12 OLC J . 1.78 3.05 -7.56
C7 OLC J . -4.14 2.21 -6.10
C15 OLC J . 4.02 0.69 -9.33
C13 OLC J . 3.04 2.19 -7.55
C6 OLC J . -5.30 3.08 -6.56
C14 OLC J . 2.87 0.90 -8.37
C5 OLC J . -6.35 2.27 -7.31
C10 OLC K . 25.66 15.70 -9.17
C9 OLC K . 26.96 15.97 -8.98
C11 OLC K . 24.76 15.39 -8.00
C8 OLC K . 27.84 16.28 -10.16
C12 OLC K . 23.37 15.96 -8.26
C7 OLC K . 29.26 16.63 -9.70
C15 OLC K . 19.76 15.31 -7.21
C13 OLC K . 22.25 15.11 -7.67
C14 OLC K . 21.11 16.02 -7.20
C18 OLC L . 32.60 11.86 9.12
C10 OLC L . 39.61 13.50 3.79
C9 OLC L . 40.08 12.44 4.43
C17 OLC L . 32.70 12.57 7.79
C11 OLC L . 38.14 13.55 3.44
C8 OLC L . 41.54 12.39 4.82
C24 OLC L . 32.59 8.91 12.41
C16 OLC L . 34.10 13.13 7.58
C12 OLC L . 37.49 14.44 4.50
C7 OLC L . 41.68 12.78 6.29
C15 OLC L . 34.83 12.41 6.45
C13 OLC L . 36.13 13.93 4.95
C6 OLC L . 41.00 11.84 7.29
C14 OLC L . 36.18 13.05 6.19
C5 OLC L . 39.85 12.54 8.01
C4 OLC L . 39.43 11.78 9.26
C3 OLC L . 38.69 12.70 10.23
C2 OLC L . 37.99 11.91 11.34
C21 OLC L . 34.72 9.81 11.49
C1 OLC L . 36.63 11.38 10.94
C22 OLC L . 33.65 10.00 12.55
O19 OLC L . 36.09 11.71 9.89
O25 OLC L . 32.44 8.13 13.61
O23 OLC L . 34.24 10.00 13.87
O20 OLC L . 35.96 10.44 11.84
OH2 1PE M . 17.08 -10.78 -11.18
C12 1PE M . 18.22 -10.64 -12.03
C22 1PE M . 19.38 -11.49 -11.49
OH3 1PE M . 20.62 -11.01 -12.04
C13 1PE M . 21.55 -11.32 -14.23
C23 1PE M . 21.26 -11.98 -12.88
OH4 1PE M . 22.46 -12.13 -14.96
C14 1PE M . 24.55 -11.63 -16.05
C24 1PE M . 23.04 -11.44 -16.07
OH5 1PE M . 25.05 -11.60 -17.38
C15 1PE M . 27.38 -12.27 -17.50
C25 1PE M . 25.92 -12.69 -17.68
OH6 1PE M . 28.26 -12.97 -18.39
C16 1PE M . 30.03 -11.88 -19.66
C26 1PE M . 29.58 -12.45 -18.30
OH7 1PE M . 30.55 -10.56 -19.50
C13 1PE N . -32.70 18.24 -17.20
OH4 1PE N . -32.96 16.91 -17.64
C14 1PE N . -34.67 15.31 -18.28
C24 1PE N . -34.34 16.57 -17.47
OH5 1PE N . -34.74 15.61 -19.67
C15 1PE N . -33.67 14.53 -21.55
C25 1PE N . -34.73 14.43 -20.46
OH6 1PE N . -33.42 13.27 -22.19
C16 1PE N . -33.68 13.87 -24.56
C26 1PE N . -34.16 13.01 -23.39
OH7 1PE N . -34.59 13.71 -25.67
#